data_8W0R
#
_entry.id   8W0R
#
_cell.length_a   1.00
_cell.length_b   1.00
_cell.length_c   1.00
_cell.angle_alpha   90.00
_cell.angle_beta   90.00
_cell.angle_gamma   90.00
#
_symmetry.space_group_name_H-M   'P 1'
#
loop_
_entity.id
_entity.type
_entity.pdbx_description
1 polymer 3-beta-hydroxysteroid-Delta(8),Delta(7)-isomerase
2 non-polymer "1-methyl-1'-[(oxan-4-yl)methyl]-5-(trifluoromethyl)spiro[indole-2,4'-piperidin]-3(1H)-one"
#
_entity_poly.entity_id   1
_entity_poly.type   'polypeptide(L)'
_entity_poly.pdbx_seq_one_letter_code
;MWSHPQFEKTTNAGPLHPYWPQHLRLDNFVPNDRPTWHILAGLFSVTGVLVVTTWLLSGRAAVVPLGTWRRLSLCWFAVC
GFIHLVIEGWFVLYYEDLLGDQAFLSQLWKEYAKGDSRYILGDNFTVCMETITACLWGPLSLWVVIAFLRQHPLRFILQL
VVSVGQIYGDVLYFLTEHRDGFQHGELGHPLYFWFYFVFMNALWLVLPGVLVLDAVKHLTHAQSTLDAKATKAKSKKN
;
_entity_poly.pdbx_strand_id   A,B
#
# COMPACT_ATOMS: atom_id res chain seq x y z
N PRO A 15 -9.62 -17.88 31.11
CA PRO A 15 -8.16 -18.05 31.07
C PRO A 15 -7.41 -16.79 31.51
N LEU A 16 -6.08 -16.83 31.44
CA LEU A 16 -5.29 -15.67 31.85
C LEU A 16 -5.56 -14.47 30.96
N HIS A 17 -5.67 -14.70 29.65
CA HIS A 17 -5.87 -13.65 28.67
C HIS A 17 -6.97 -14.05 27.70
N PRO A 18 -7.66 -13.08 27.09
CA PRO A 18 -8.79 -13.40 26.21
C PRO A 18 -8.45 -13.53 24.72
N TYR A 19 -7.21 -13.28 24.33
CA TYR A 19 -6.90 -13.13 22.91
C TYR A 19 -6.65 -14.49 22.26
N TRP A 20 -6.73 -14.50 20.93
CA TRP A 20 -6.52 -15.67 20.10
C TRP A 20 -5.20 -15.54 19.34
N PRO A 21 -4.50 -16.65 19.09
CA PRO A 21 -4.77 -18.04 19.50
C PRO A 21 -4.54 -18.28 20.99
N GLN A 22 -5.30 -19.20 21.58
CA GLN A 22 -5.28 -19.38 23.03
C GLN A 22 -3.96 -19.97 23.52
N HIS A 23 -3.09 -20.47 22.64
CA HIS A 23 -1.79 -20.95 23.08
C HIS A 23 -0.77 -19.82 23.21
N LEU A 24 -1.16 -18.57 22.96
CA LEU A 24 -0.29 -17.45 23.23
C LEU A 24 -0.01 -17.36 24.72
N ARG A 25 1.19 -16.91 25.05
CA ARG A 25 1.63 -16.69 26.43
C ARG A 25 1.99 -15.22 26.57
N LEU A 26 1.07 -14.45 27.17
CA LEU A 26 1.25 -13.01 27.35
C LEU A 26 1.48 -12.72 28.83
N ASP A 27 2.71 -12.35 29.16
CA ASP A 27 3.00 -11.74 30.45
C ASP A 27 2.78 -10.23 30.35
N ASN A 28 2.65 -9.60 31.52
CA ASN A 28 2.38 -8.17 31.64
C ASN A 28 0.98 -7.82 31.14
N PHE A 29 0.14 -8.82 30.94
CA PHE A 29 -1.28 -8.57 30.69
C PHE A 29 -1.97 -8.24 32.00
N VAL A 30 -2.66 -7.11 32.04
CA VAL A 30 -3.42 -6.71 33.22
C VAL A 30 -4.75 -6.18 32.68
N PRO A 31 -5.89 -6.62 33.22
CA PRO A 31 -7.16 -6.35 32.54
C PRO A 31 -7.53 -4.88 32.56
N ASN A 32 -8.38 -4.52 31.59
CA ASN A 32 -8.93 -3.16 31.53
C ASN A 32 -9.69 -2.86 32.82
N ASP A 33 -9.45 -1.66 33.36
CA ASP A 33 -10.10 -1.28 34.61
C ASP A 33 -11.51 -0.74 34.36
N ARG A 34 -11.66 0.20 33.44
CA ARG A 34 -12.97 0.77 33.17
C ARG A 34 -13.87 -0.28 32.52
N PRO A 35 -15.18 -0.22 32.73
CA PRO A 35 -16.09 -0.98 31.87
C PRO A 35 -15.93 -0.54 30.43
N THR A 36 -16.05 -1.50 29.51
CA THR A 36 -15.75 -1.24 28.11
C THR A 36 -16.67 -0.18 27.50
N TRP A 37 -17.88 -0.03 28.03
CA TRP A 37 -18.79 0.92 27.41
C TRP A 37 -18.40 2.35 27.71
N HIS A 38 -17.70 2.60 28.83
CA HIS A 38 -17.08 3.91 29.03
C HIS A 38 -16.22 4.26 27.83
N ILE A 39 -15.31 3.35 27.46
CA ILE A 39 -14.35 3.62 26.41
C ILE A 39 -15.06 3.81 25.08
N LEU A 40 -15.95 2.88 24.73
CA LEU A 40 -16.62 2.93 23.43
C LEU A 40 -17.49 4.19 23.33
N ALA A 41 -18.25 4.50 24.38
CA ALA A 41 -19.13 5.65 24.35
C ALA A 41 -18.34 6.96 24.35
N GLY A 42 -17.20 7.01 25.04
CA GLY A 42 -16.37 8.20 24.97
C GLY A 42 -15.86 8.47 23.57
N LEU A 43 -15.37 7.41 22.90
CA LEU A 43 -14.91 7.59 21.52
C LEU A 43 -16.04 8.04 20.61
N PHE A 44 -17.21 7.39 20.72
CA PHE A 44 -18.33 7.78 19.87
C PHE A 44 -18.80 9.20 20.16
N SER A 45 -18.82 9.60 21.44
CA SER A 45 -19.25 10.95 21.78
C SER A 45 -18.28 12.00 21.24
N VAL A 46 -16.97 11.78 21.42
CA VAL A 46 -16.01 12.78 20.99
C VAL A 46 -15.99 12.87 19.46
N THR A 47 -16.09 11.73 18.76
CA THR A 47 -16.08 11.78 17.31
C THR A 47 -17.38 12.37 16.77
N GLY A 48 -18.49 12.17 17.48
CA GLY A 48 -19.72 12.85 17.10
C GLY A 48 -19.62 14.36 17.27
N VAL A 49 -18.99 14.80 18.35
CA VAL A 49 -18.76 16.23 18.53
C VAL A 49 -17.90 16.76 17.40
N LEU A 50 -16.86 16.00 17.03
CA LEU A 50 -16.02 16.40 15.92
C LEU A 50 -16.82 16.50 14.62
N VAL A 51 -17.71 15.54 14.38
CA VAL A 51 -18.49 15.51 13.15
C VAL A 51 -19.41 16.72 13.07
N VAL A 52 -20.13 17.01 14.16
CA VAL A 52 -21.04 18.15 14.13
C VAL A 52 -20.26 19.46 14.04
N THR A 53 -19.12 19.55 14.70
CA THR A 53 -18.30 20.76 14.59
C THR A 53 -17.81 20.96 13.16
N THR A 54 -17.39 19.88 12.50
CA THR A 54 -16.97 19.99 11.11
C THR A 54 -18.13 20.36 10.20
N TRP A 55 -19.32 19.83 10.47
CA TRP A 55 -20.49 20.25 9.71
C TRP A 55 -20.70 21.75 9.82
N LEU A 56 -20.68 22.27 11.05
CA LEU A 56 -20.83 23.71 11.24
C LEU A 56 -19.72 24.47 10.52
N LEU A 57 -18.47 24.04 10.69
CA LEU A 57 -17.33 24.72 10.09
C LEU A 57 -17.47 24.81 8.57
N SER A 58 -17.78 23.69 7.93
CA SER A 58 -18.03 23.71 6.50
C SER A 58 -19.19 24.63 6.17
N GLY A 59 -20.15 24.76 7.09
CA GLY A 59 -21.23 25.70 6.87
C GLY A 59 -20.76 27.14 6.84
N ARG A 60 -19.90 27.53 7.79
CA ARG A 60 -19.61 28.95 8.00
C ARG A 60 -18.26 29.38 7.46
N ALA A 61 -17.39 28.44 7.07
CA ALA A 61 -16.01 28.76 6.72
C ALA A 61 -15.62 28.25 5.33
N ALA A 62 -16.56 28.22 4.40
CA ALA A 62 -16.28 27.83 3.02
C ALA A 62 -16.23 29.08 2.15
N VAL A 63 -15.20 29.18 1.32
CA VAL A 63 -15.06 30.35 0.45
C VAL A 63 -16.25 30.43 -0.50
N VAL A 64 -16.74 29.28 -0.97
CA VAL A 64 -18.01 29.18 -1.67
C VAL A 64 -18.78 27.98 -1.15
N PRO A 65 -20.11 28.01 -1.24
CA PRO A 65 -20.90 26.90 -0.68
C PRO A 65 -20.55 25.56 -1.30
N LEU A 66 -20.66 24.52 -0.47
CA LEU A 66 -20.14 23.19 -0.80
C LEU A 66 -21.22 22.17 -1.13
N GLY A 67 -22.37 22.24 -0.47
CA GLY A 67 -23.40 21.23 -0.65
C GLY A 67 -23.31 20.12 0.38
N THR A 68 -24.41 19.38 0.57
CA THR A 68 -24.52 18.48 1.72
C THR A 68 -23.52 17.35 1.65
N TRP A 69 -23.45 16.66 0.51
CA TRP A 69 -22.65 15.44 0.44
C TRP A 69 -21.15 15.74 0.49
N ARG A 70 -20.72 16.87 -0.05
CA ARG A 70 -19.32 17.23 0.09
C ARG A 70 -18.98 17.59 1.53
N ARG A 71 -19.92 18.23 2.23
CA ARG A 71 -19.73 18.48 3.67
C ARG A 71 -19.59 17.17 4.43
N LEU A 72 -20.42 16.17 4.08
CA LEU A 72 -20.30 14.87 4.71
C LEU A 72 -18.95 14.23 4.41
N SER A 73 -18.46 14.40 3.18
CA SER A 73 -17.14 13.88 2.84
C SER A 73 -16.05 14.55 3.67
N LEU A 74 -16.16 15.87 3.88
CA LEU A 74 -15.19 16.57 4.72
C LEU A 74 -15.27 16.08 6.16
N CYS A 75 -16.47 15.81 6.65
CA CYS A 75 -16.60 15.24 8.00
C CYS A 75 -15.91 13.88 8.07
N TRP A 76 -16.08 13.06 7.04
CA TRP A 76 -15.39 11.78 6.97
C TRP A 76 -13.88 11.95 7.01
N PHE A 77 -13.37 12.92 6.24
CA PHE A 77 -11.93 13.13 6.19
C PHE A 77 -11.40 13.65 7.52
N ALA A 78 -12.17 14.51 8.20
CA ALA A 78 -11.76 14.97 9.52
C ALA A 78 -11.73 13.83 10.53
N VAL A 79 -12.73 12.94 10.46
CA VAL A 79 -12.74 11.77 11.35
C VAL A 79 -11.52 10.90 11.08
N CYS A 80 -11.21 10.66 9.80
CA CYS A 80 -10.04 9.88 9.46
C CYS A 80 -8.77 10.54 9.98
N GLY A 81 -8.66 11.86 9.84
CA GLY A 81 -7.48 12.55 10.32
C GLY A 81 -7.30 12.40 11.81
N PHE A 82 -8.38 12.62 12.57
CA PHE A 82 -8.31 12.45 14.02
C PHE A 82 -7.90 11.04 14.39
N ILE A 83 -8.56 10.04 13.80
CA ILE A 83 -8.28 8.65 14.16
C ILE A 83 -6.84 8.30 13.84
N HIS A 84 -6.38 8.60 12.63
CA HIS A 84 -5.04 8.24 12.24
C HIS A 84 -4.00 8.96 13.08
N LEU A 85 -4.22 10.24 13.39
CA LEU A 85 -3.22 11.00 14.14
C LEU A 85 -3.15 10.57 15.59
N VAL A 86 -4.29 10.26 16.20
CA VAL A 86 -4.37 10.05 17.64
C VAL A 86 -4.48 8.58 18.00
N ILE A 87 -5.53 7.90 17.53
CA ILE A 87 -5.79 6.54 17.97
C ILE A 87 -4.72 5.59 17.43
N GLU A 88 -4.43 5.69 16.14
CA GLU A 88 -3.40 4.85 15.53
C GLU A 88 -2.00 5.34 15.89
N GLY A 89 -1.83 6.65 16.02
CA GLY A 89 -0.54 7.18 16.44
C GLY A 89 -0.14 6.70 17.82
N TRP A 90 -1.12 6.58 18.73
CA TRP A 90 -0.83 6.03 20.05
C TRP A 90 -0.32 4.61 19.95
N PHE A 91 -0.90 3.80 19.06
CA PHE A 91 -0.40 2.45 18.86
C PHE A 91 1.03 2.48 18.33
N VAL A 92 1.28 3.32 17.32
CA VAL A 92 2.61 3.38 16.72
C VAL A 92 3.64 3.80 17.77
N LEU A 93 3.27 4.71 18.66
CA LEU A 93 4.18 5.17 19.69
C LEU A 93 4.42 4.11 20.76
N TYR A 94 3.34 3.48 21.25
CA TYR A 94 3.42 2.64 22.45
C TYR A 94 2.95 1.21 22.20
N TYR A 95 3.18 0.65 21.02
CA TYR A 95 2.73 -0.72 20.77
C TYR A 95 3.42 -1.72 21.69
N GLU A 96 4.61 -1.40 22.17
CA GLU A 96 5.33 -2.31 23.05
C GLU A 96 4.68 -2.46 24.42
N ASP A 97 3.94 -1.43 24.87
CA ASP A 97 3.44 -1.40 26.25
C ASP A 97 1.92 -1.26 26.30
N LEU A 98 1.20 -1.71 25.27
CA LEU A 98 -0.26 -1.73 25.37
C LEU A 98 -0.71 -2.64 26.50
N LEU A 99 -0.09 -3.81 26.62
CA LEU A 99 -0.33 -4.67 27.77
C LEU A 99 0.22 -3.99 29.02
N GLY A 100 -0.50 -4.15 30.13
CA GLY A 100 -0.04 -3.59 31.39
C GLY A 100 -0.15 -2.09 31.50
N ASP A 101 -1.01 -1.47 30.70
CA ASP A 101 -1.24 -0.03 30.74
C ASP A 101 -2.74 0.23 30.85
N GLN A 102 -3.09 1.28 31.58
CA GLN A 102 -4.48 1.64 31.83
C GLN A 102 -4.74 3.08 31.41
N ALA A 103 -4.15 3.50 30.29
CA ALA A 103 -4.51 4.76 29.67
C ALA A 103 -5.67 4.52 28.72
N PHE A 104 -6.46 5.57 28.49
CA PHE A 104 -7.74 5.42 27.80
C PHE A 104 -7.56 4.77 26.43
N LEU A 105 -6.63 5.30 25.63
CA LEU A 105 -6.40 4.73 24.30
C LEU A 105 -5.76 3.34 24.38
N SER A 106 -4.93 3.10 25.39
CA SER A 106 -4.37 1.77 25.57
C SER A 106 -5.46 0.75 25.86
N GLN A 107 -6.41 1.10 26.73
CA GLN A 107 -7.54 0.21 26.99
C GLN A 107 -8.40 0.03 25.75
N LEU A 108 -8.58 1.09 24.96
CA LEU A 108 -9.31 0.97 23.70
C LEU A 108 -8.65 -0.05 22.79
N TRP A 109 -7.32 0.03 22.66
CA TRP A 109 -6.61 -0.91 21.80
C TRP A 109 -6.68 -2.33 22.35
N LYS A 110 -6.58 -2.49 23.66
CA LYS A 110 -6.71 -3.81 24.26
C LYS A 110 -8.08 -4.41 23.99
N GLU A 111 -9.12 -3.58 24.02
CA GLU A 111 -10.46 -4.06 23.72
C GLU A 111 -10.59 -4.43 22.25
N TYR A 112 -10.10 -3.57 21.36
CA TYR A 112 -10.23 -3.84 19.93
C TYR A 112 -9.47 -5.09 19.52
N ALA A 113 -8.29 -5.32 20.10
CA ALA A 113 -7.45 -6.43 19.66
C ALA A 113 -8.04 -7.80 19.95
N LYS A 114 -9.13 -7.88 20.71
CA LYS A 114 -9.78 -9.16 20.92
C LYS A 114 -10.32 -9.75 19.62
N GLY A 115 -10.49 -8.92 18.60
CA GLY A 115 -10.83 -9.39 17.26
C GLY A 115 -9.62 -9.50 16.34
N ASP A 116 -8.50 -8.91 16.73
CA ASP A 116 -7.26 -9.01 15.96
C ASP A 116 -6.09 -8.85 16.94
N SER A 117 -5.41 -9.96 17.22
CA SER A 117 -4.36 -9.97 18.22
C SER A 117 -3.00 -9.51 17.69
N ARG A 118 -2.89 -9.18 16.40
CA ARG A 118 -1.62 -8.69 15.87
C ARG A 118 -1.20 -7.39 16.51
N TYR A 119 -2.16 -6.59 16.99
CA TYR A 119 -1.81 -5.33 17.64
C TYR A 119 -1.21 -5.54 19.02
N ILE A 120 -1.46 -6.69 19.64
CA ILE A 120 -0.82 -7.03 20.90
C ILE A 120 0.53 -7.71 20.67
N LEU A 121 0.67 -8.43 19.57
CA LEU A 121 1.91 -9.15 19.28
C LEU A 121 2.97 -8.26 18.65
N GLY A 122 2.61 -7.05 18.24
CA GLY A 122 3.56 -6.16 17.60
C GLY A 122 4.07 -6.68 16.28
N ASP A 123 3.18 -7.17 15.42
CA ASP A 123 3.59 -7.68 14.12
C ASP A 123 4.22 -6.57 13.28
N ASN A 124 5.26 -6.93 12.53
CA ASN A 124 6.02 -5.93 11.78
C ASN A 124 5.16 -5.25 10.73
N PHE A 125 4.36 -6.04 10.00
CA PHE A 125 3.51 -5.45 8.96
C PHE A 125 2.51 -4.47 9.56
N THR A 126 1.88 -4.86 10.68
CA THR A 126 0.91 -4.00 11.33
C THR A 126 1.55 -2.68 11.77
N VAL A 127 2.70 -2.76 12.44
CA VAL A 127 3.36 -1.56 12.93
C VAL A 127 3.74 -0.65 11.78
N CYS A 128 4.30 -1.22 10.70
CA CYS A 128 4.70 -0.40 9.57
C CYS A 128 3.50 0.26 8.90
N MET A 129 2.42 -0.50 8.70
CA MET A 129 1.24 0.02 8.03
C MET A 129 0.61 1.15 8.83
N GLU A 130 0.48 0.96 10.15
CA GLU A 130 -0.07 2.04 10.97
C GLU A 130 0.89 3.21 11.10
N THR A 131 2.19 2.97 11.00
CA THR A 131 3.14 4.09 10.98
C THR A 131 2.90 4.95 9.75
N ILE A 132 2.81 4.33 8.58
CA ILE A 132 2.54 5.08 7.36
C ILE A 132 1.19 5.77 7.46
N THR A 133 0.18 5.08 7.98
CA THR A 133 -1.15 5.66 8.08
C THR A 133 -1.17 6.89 8.98
N ALA A 134 -0.47 6.81 10.11
CA ALA A 134 -0.47 7.93 11.05
C ALA A 134 0.35 9.10 10.52
N CYS A 135 1.47 8.83 9.83
CA CYS A 135 2.34 9.91 9.42
C CYS A 135 1.84 10.59 8.15
N LEU A 136 1.32 9.84 7.19
CA LEU A 136 0.95 10.41 5.90
C LEU A 136 -0.55 10.73 5.81
N TRP A 137 -1.40 9.72 5.99
CA TRP A 137 -2.81 9.86 5.62
C TRP A 137 -3.59 10.75 6.56
N GLY A 138 -3.13 10.95 7.79
CA GLY A 138 -3.83 11.83 8.72
C GLY A 138 -3.68 13.29 8.36
N PRO A 139 -2.43 13.77 8.30
CA PRO A 139 -2.20 15.15 7.84
C PRO A 139 -2.75 15.40 6.45
N LEU A 140 -2.66 14.42 5.55
CA LEU A 140 -3.22 14.61 4.21
C LEU A 140 -4.74 14.64 4.25
N SER A 141 -5.35 13.85 5.14
CA SER A 141 -6.80 13.90 5.28
C SER A 141 -7.27 15.26 5.77
N LEU A 142 -6.52 15.87 6.70
CA LEU A 142 -6.87 17.22 7.14
C LEU A 142 -6.56 18.26 6.07
N TRP A 143 -5.49 18.06 5.30
CA TRP A 143 -5.19 18.97 4.21
C TRP A 143 -6.27 18.92 3.13
N VAL A 144 -6.92 17.77 2.96
CA VAL A 144 -8.04 17.68 2.03
C VAL A 144 -9.16 18.61 2.47
N VAL A 145 -9.45 18.61 3.77
CA VAL A 145 -10.50 19.48 4.30
C VAL A 145 -10.12 20.94 4.09
N ILE A 146 -8.87 21.29 4.40
CA ILE A 146 -8.43 22.66 4.22
C ILE A 146 -8.52 23.07 2.76
N ALA A 147 -8.17 22.16 1.84
CA ALA A 147 -8.23 22.46 0.42
C ALA A 147 -9.67 22.69 -0.03
N PHE A 148 -10.59 21.82 0.39
CA PHE A 148 -11.97 21.95 -0.04
C PHE A 148 -12.62 23.20 0.52
N LEU A 149 -12.18 23.65 1.70
CA LEU A 149 -12.76 24.87 2.27
C LEU A 149 -12.43 26.09 1.44
N ARG A 150 -11.22 26.17 0.90
CA ARG A 150 -10.75 27.34 0.16
C ARG A 150 -10.82 27.15 -1.35
N GLN A 151 -11.37 26.03 -1.83
CA GLN A 151 -11.38 25.70 -3.26
C GLN A 151 -9.99 25.80 -3.87
N HIS A 152 -8.99 25.34 -3.13
CA HIS A 152 -7.68 25.19 -3.71
C HIS A 152 -7.71 24.05 -4.73
N PRO A 153 -6.80 24.05 -5.70
CA PRO A 153 -6.57 22.82 -6.45
C PRO A 153 -5.98 21.74 -5.56
N LEU A 154 -5.67 20.57 -6.12
CA LEU A 154 -5.16 19.42 -5.35
C LEU A 154 -6.23 18.77 -4.49
N ARG A 155 -7.43 19.35 -4.39
CA ARG A 155 -8.42 18.82 -3.46
C ARG A 155 -8.86 17.43 -3.87
N PHE A 156 -9.26 17.26 -5.12
CA PHE A 156 -9.61 15.95 -5.63
C PHE A 156 -8.38 15.06 -5.79
N ILE A 157 -7.21 15.64 -6.08
CA ILE A 157 -5.99 14.86 -6.15
C ILE A 157 -5.68 14.25 -4.79
N LEU A 158 -5.73 15.08 -3.74
CA LEU A 158 -5.47 14.59 -2.39
C LEU A 158 -6.52 13.56 -1.97
N GLN A 159 -7.78 13.82 -2.32
CA GLN A 159 -8.84 12.86 -2.01
C GLN A 159 -8.55 11.51 -2.65
N LEU A 160 -8.19 11.51 -3.93
CA LEU A 160 -7.87 10.27 -4.64
C LEU A 160 -6.69 9.56 -4.00
N VAL A 161 -5.63 10.32 -3.69
CA VAL A 161 -4.42 9.70 -3.14
C VAL A 161 -4.71 9.06 -1.79
N VAL A 162 -5.40 9.78 -0.91
CA VAL A 162 -5.68 9.26 0.42
C VAL A 162 -6.58 8.04 0.33
N SER A 163 -7.62 8.10 -0.51
CA SER A 163 -8.52 6.96 -0.63
C SER A 163 -7.81 5.74 -1.19
N VAL A 164 -6.95 5.94 -2.19
CA VAL A 164 -6.20 4.83 -2.77
C VAL A 164 -5.29 4.20 -1.73
N GLY A 165 -4.59 5.03 -0.95
CA GLY A 165 -3.73 4.49 0.08
C GLY A 165 -4.49 3.71 1.13
N GLN A 166 -5.64 4.25 1.57
CA GLN A 166 -6.45 3.54 2.54
C GLN A 166 -6.92 2.19 2.00
N ILE A 167 -7.38 2.16 0.75
CA ILE A 167 -7.85 0.91 0.16
C ILE A 167 -6.70 -0.09 0.07
N TYR A 168 -5.52 0.36 -0.36
CA TYR A 168 -4.38 -0.54 -0.47
C TYR A 168 -4.02 -1.13 0.89
N GLY A 169 -3.97 -0.28 1.93
CA GLY A 169 -3.65 -0.78 3.25
C GLY A 169 -4.66 -1.78 3.76
N ASP A 170 -5.95 -1.47 3.60
CA ASP A 170 -6.99 -2.38 4.09
C ASP A 170 -6.96 -3.70 3.33
N VAL A 171 -6.72 -3.66 2.02
CA VAL A 171 -6.67 -4.88 1.23
C VAL A 171 -5.49 -5.75 1.67
N LEU A 172 -4.33 -5.14 1.89
CA LEU A 172 -3.20 -5.92 2.37
C LEU A 172 -3.48 -6.51 3.75
N TYR A 173 -4.11 -5.72 4.62
CA TYR A 173 -4.49 -6.20 5.95
C TYR A 173 -5.34 -7.46 5.86
N PHE A 174 -6.42 -7.37 5.08
CA PHE A 174 -7.34 -8.51 4.94
C PHE A 174 -6.64 -9.70 4.30
N LEU A 175 -5.84 -9.47 3.27
CA LEU A 175 -5.19 -10.58 2.56
C LEU A 175 -4.22 -11.30 3.46
N THR A 176 -3.41 -10.55 4.23
CA THR A 176 -2.47 -11.17 5.15
C THR A 176 -3.21 -11.98 6.22
N GLU A 177 -4.27 -11.41 6.79
CA GLU A 177 -4.98 -12.15 7.83
C GLU A 177 -5.64 -13.40 7.25
N HIS A 178 -6.12 -13.33 6.00
CA HIS A 178 -6.69 -14.50 5.36
C HIS A 178 -5.62 -15.58 5.14
N ARG A 179 -4.46 -15.19 4.62
CA ARG A 179 -3.40 -16.15 4.39
C ARG A 179 -2.92 -16.77 5.70
N ASP A 180 -3.03 -16.05 6.82
CA ASP A 180 -2.73 -16.65 8.11
C ASP A 180 -3.83 -17.60 8.58
N GLY A 181 -4.97 -17.65 7.90
CA GLY A 181 -6.04 -18.56 8.24
C GLY A 181 -7.03 -18.06 9.27
N PHE A 182 -7.07 -16.74 9.51
CA PHE A 182 -7.95 -16.15 10.51
C PHE A 182 -7.72 -16.78 11.88
N GLN A 183 -6.46 -16.80 12.31
CA GLN A 183 -6.08 -17.38 13.59
C GLN A 183 -5.96 -16.35 14.69
N HIS A 184 -5.79 -15.08 14.37
CA HIS A 184 -5.66 -14.01 15.36
C HIS A 184 -7.01 -13.55 15.90
N GLY A 185 -8.11 -14.16 15.48
CA GLY A 185 -9.41 -13.82 16.01
C GLY A 185 -10.37 -14.97 15.83
N GLU A 186 -11.32 -15.08 16.76
CA GLU A 186 -12.28 -16.18 16.73
C GLU A 186 -13.20 -16.00 15.53
N LEU A 187 -13.28 -17.02 14.68
CA LEU A 187 -14.11 -16.93 13.50
C LEU A 187 -15.59 -16.97 13.87
N GLY A 188 -16.36 -16.05 13.28
CA GLY A 188 -17.79 -16.07 13.42
C GLY A 188 -18.34 -15.50 14.70
N HIS A 189 -17.50 -14.87 15.52
CA HIS A 189 -18.03 -14.24 16.72
C HIS A 189 -18.68 -12.91 16.33
N PRO A 190 -19.92 -12.64 16.76
CA PRO A 190 -20.59 -11.41 16.29
C PRO A 190 -19.82 -10.13 16.57
N LEU A 191 -19.43 -9.90 17.82
CA LEU A 191 -18.83 -8.62 18.19
C LEU A 191 -17.39 -8.50 17.69
N TYR A 192 -16.61 -9.57 17.80
CA TYR A 192 -15.17 -9.45 17.57
C TYR A 192 -14.78 -9.73 16.12
N PHE A 193 -15.53 -10.58 15.42
CA PHE A 193 -15.22 -10.87 14.02
C PHE A 193 -15.98 -9.94 13.07
N TRP A 194 -17.31 -9.96 13.15
CA TRP A 194 -18.10 -9.22 12.17
C TRP A 194 -18.00 -7.72 12.38
N PHE A 195 -18.09 -7.26 13.62
CA PHE A 195 -18.11 -5.83 13.90
C PHE A 195 -16.69 -5.24 13.95
N TYR A 196 -15.88 -5.71 14.91
CA TYR A 196 -14.55 -5.13 15.08
C TYR A 196 -13.67 -5.34 13.85
N PHE A 197 -13.57 -6.59 13.39
CA PHE A 197 -12.60 -6.93 12.36
C PHE A 197 -13.11 -6.60 10.96
N VAL A 198 -14.29 -7.10 10.61
CA VAL A 198 -14.79 -6.91 9.25
C VAL A 198 -15.37 -5.52 9.07
N PHE A 199 -16.47 -5.21 9.77
CA PHE A 199 -17.27 -4.03 9.45
C PHE A 199 -16.45 -2.76 9.63
N MET A 200 -15.81 -2.59 10.78
CA MET A 200 -15.07 -1.36 11.05
C MET A 200 -13.93 -1.17 10.06
N ASN A 201 -13.49 -2.24 9.39
CA ASN A 201 -12.50 -2.11 8.33
C ASN A 201 -13.13 -2.02 6.94
N ALA A 202 -14.28 -2.67 6.75
CA ALA A 202 -14.94 -2.63 5.45
C ALA A 202 -15.31 -1.20 5.06
N LEU A 203 -15.51 -0.33 6.05
CA LEU A 203 -15.75 1.07 5.76
C LEU A 203 -14.63 1.65 4.90
N TRP A 204 -13.39 1.38 5.28
CA TRP A 204 -12.24 1.90 4.55
C TRP A 204 -12.01 1.16 3.23
N LEU A 205 -12.92 0.26 2.84
CA LEU A 205 -13.00 -0.25 1.49
C LEU A 205 -14.14 0.39 0.71
N VAL A 206 -15.20 0.79 1.39
CA VAL A 206 -16.43 1.22 0.73
C VAL A 206 -16.47 2.73 0.55
N LEU A 207 -16.23 3.49 1.62
CA LEU A 207 -16.31 4.94 1.51
C LEU A 207 -15.15 5.51 0.69
N PRO A 208 -13.90 5.09 0.88
CA PRO A 208 -12.84 5.53 -0.05
C PRO A 208 -13.14 5.18 -1.50
N GLY A 209 -13.70 3.99 -1.76
CA GLY A 209 -13.98 3.61 -3.13
C GLY A 209 -14.94 4.56 -3.81
N VAL A 210 -16.02 4.93 -3.11
CA VAL A 210 -16.96 5.91 -3.65
C VAL A 210 -16.25 7.23 -3.89
N LEU A 211 -15.25 7.55 -3.08
CA LEU A 211 -14.51 8.78 -3.24
C LEU A 211 -13.45 8.68 -4.33
N VAL A 212 -13.13 7.47 -4.78
CA VAL A 212 -12.24 7.31 -5.93
C VAL A 212 -13.03 7.39 -7.23
N LEU A 213 -14.21 6.78 -7.26
CA LEU A 213 -15.08 6.91 -8.42
C LEU A 213 -15.56 8.34 -8.59
N ASP A 214 -15.75 9.07 -7.49
CA ASP A 214 -16.20 10.46 -7.58
C ASP A 214 -15.10 11.37 -8.10
N ALA A 215 -13.90 11.29 -7.50
CA ALA A 215 -12.80 12.15 -7.93
C ALA A 215 -12.47 11.93 -9.39
N VAL A 216 -12.41 10.67 -9.82
CA VAL A 216 -12.14 10.35 -11.21
C VAL A 216 -13.16 11.00 -12.13
N LYS A 217 -14.40 11.16 -11.65
CA LYS A 217 -15.42 11.79 -12.47
C LYS A 217 -15.12 13.26 -12.69
N HIS A 218 -14.58 13.93 -11.66
CA HIS A 218 -14.35 15.37 -11.76
C HIS A 218 -13.05 15.66 -12.49
N LEU A 219 -11.94 15.04 -12.06
CA LEU A 219 -10.65 15.26 -12.71
C LEU A 219 -10.72 14.96 -14.19
N THR A 220 -11.39 13.87 -14.56
CA THR A 220 -11.58 13.57 -15.98
C THR A 220 -12.27 14.73 -16.70
N HIS A 221 -13.34 15.25 -16.13
CA HIS A 221 -14.02 16.39 -16.72
C HIS A 221 -13.08 17.59 -16.84
N ALA A 222 -12.11 17.71 -15.95
CA ALA A 222 -11.11 18.76 -16.09
C ALA A 222 -10.19 18.47 -17.28
N GLN A 223 -9.74 17.23 -17.41
CA GLN A 223 -8.82 16.89 -18.50
C GLN A 223 -9.48 17.11 -19.84
N SER A 224 -10.74 16.72 -19.98
CA SER A 224 -11.46 16.96 -21.22
C SER A 224 -11.66 18.44 -21.50
N THR A 225 -11.58 19.28 -20.46
CA THR A 225 -11.71 20.72 -20.66
C THR A 225 -10.45 21.30 -21.28
N LEU A 226 -9.29 20.84 -20.85
CA LEU A 226 -8.02 21.28 -21.44
C LEU A 226 -7.93 20.86 -22.90
N ASP A 227 -8.13 19.57 -23.16
CA ASP A 227 -7.99 19.01 -24.50
C ASP A 227 -9.00 19.61 -25.46
N PRO B 15 28.22 -24.10 1.92
CA PRO B 15 27.14 -24.78 2.63
C PRO B 15 26.11 -25.41 1.69
N LEU B 16 25.06 -26.01 2.26
CA LEU B 16 24.03 -26.63 1.43
C LEU B 16 23.32 -25.60 0.58
N HIS B 17 23.01 -24.44 1.15
CA HIS B 17 22.27 -23.38 0.47
C HIS B 17 22.97 -22.05 0.70
N PRO B 18 22.79 -21.09 -0.21
CA PRO B 18 23.50 -19.80 -0.08
C PRO B 18 22.72 -18.69 0.62
N TYR B 19 21.48 -18.92 1.02
CA TYR B 19 20.62 -17.84 1.46
C TYR B 19 20.84 -17.53 2.94
N TRP B 20 20.39 -16.33 3.34
CA TRP B 20 20.49 -15.84 4.69
C TRP B 20 19.10 -15.79 5.33
N PRO B 21 18.99 -16.05 6.65
CA PRO B 21 20.04 -16.41 7.61
C PRO B 21 20.54 -17.84 7.43
N GLN B 22 21.82 -18.07 7.75
CA GLN B 22 22.44 -19.36 7.46
C GLN B 22 21.89 -20.49 8.32
N HIS B 23 21.12 -20.20 9.36
CA HIS B 23 20.49 -21.27 10.14
C HIS B 23 19.20 -21.76 9.51
N LEU B 24 18.80 -21.22 8.37
CA LEU B 24 17.67 -21.77 7.64
C LEU B 24 17.98 -23.20 7.20
N ARG B 25 16.94 -24.02 7.17
CA ARG B 25 17.02 -25.41 6.71
C ARG B 25 16.08 -25.56 5.51
N LEU B 26 16.65 -25.55 4.31
CA LEU B 26 15.88 -25.65 3.07
C LEU B 26 16.12 -27.01 2.45
N ASP B 27 15.10 -27.86 2.49
CA ASP B 27 15.07 -29.05 1.67
C ASP B 27 14.47 -28.71 0.31
N ASN B 28 14.71 -29.59 -0.66
CA ASN B 28 14.26 -29.42 -2.05
C ASN B 28 15.00 -28.27 -2.73
N PHE B 29 16.09 -27.80 -2.12
CA PHE B 29 16.98 -26.86 -2.80
C PHE B 29 17.86 -27.62 -3.78
N VAL B 30 17.86 -27.20 -5.03
CA VAL B 30 18.70 -27.82 -6.05
C VAL B 30 19.29 -26.65 -6.84
N PRO B 31 20.60 -26.60 -7.08
CA PRO B 31 21.20 -25.36 -7.58
C PRO B 31 20.78 -25.05 -9.00
N ASN B 32 20.89 -23.76 -9.34
CA ASN B 32 20.65 -23.31 -10.70
C ASN B 32 21.59 -24.02 -11.67
N ASP B 33 21.03 -24.48 -12.79
CA ASP B 33 21.82 -25.21 -13.76
C ASP B 33 22.58 -24.26 -14.69
N ARG B 34 21.88 -23.29 -15.28
CA ARG B 34 22.52 -22.36 -16.18
C ARG B 34 23.49 -21.46 -15.41
N PRO B 35 24.57 -21.00 -16.04
CA PRO B 35 25.33 -19.89 -15.46
C PRO B 35 24.43 -18.66 -15.32
N THR B 36 24.65 -17.92 -14.23
CA THR B 36 23.74 -16.82 -13.90
C THR B 36 23.71 -15.75 -14.99
N TRP B 37 24.79 -15.59 -15.75
CA TRP B 37 24.81 -14.52 -16.73
C TRP B 37 23.91 -14.82 -17.91
N HIS B 38 23.67 -16.10 -18.22
CA HIS B 38 22.63 -16.45 -19.17
C HIS B 38 21.32 -15.80 -18.77
N ILE B 39 20.91 -16.00 -17.52
CA ILE B 39 19.62 -15.54 -17.04
C ILE B 39 19.57 -14.02 -17.06
N LEU B 40 20.60 -13.38 -16.48
CA LEU B 40 20.60 -11.93 -16.38
C LEU B 40 20.63 -11.27 -17.75
N ALA B 41 21.47 -11.78 -18.65
CA ALA B 41 21.58 -11.21 -19.99
C ALA B 41 20.32 -11.45 -20.81
N GLY B 42 19.68 -12.61 -20.63
CA GLY B 42 18.42 -12.84 -21.33
C GLY B 42 17.35 -11.84 -20.91
N LEU B 43 17.22 -11.60 -19.61
CA LEU B 43 16.24 -10.62 -19.14
C LEU B 43 16.56 -9.24 -19.68
N PHE B 44 17.84 -8.83 -19.60
CA PHE B 44 18.19 -7.50 -20.10
C PHE B 44 17.98 -7.39 -21.60
N SER B 45 18.29 -8.44 -22.36
CA SER B 45 18.09 -8.39 -23.81
C SER B 45 16.62 -8.28 -24.17
N VAL B 46 15.78 -9.10 -23.53
CA VAL B 46 14.36 -9.08 -23.89
C VAL B 46 13.72 -7.77 -23.47
N THR B 47 14.09 -7.24 -22.30
CA THR B 47 13.50 -5.97 -21.88
C THR B 47 14.02 -4.81 -22.73
N GLY B 48 15.26 -4.91 -23.20
CA GLY B 48 15.74 -3.90 -24.14
C GLY B 48 15.00 -3.94 -25.46
N VAL B 49 14.71 -5.15 -25.95
CA VAL B 49 13.90 -5.27 -27.16
C VAL B 49 12.52 -4.66 -26.93
N LEU B 50 11.95 -4.91 -25.76
CA LEU B 50 10.65 -4.32 -25.43
C LEU B 50 10.74 -2.80 -25.41
N VAL B 51 11.82 -2.25 -24.85
CA VAL B 51 11.96 -0.81 -24.73
C VAL B 51 12.08 -0.17 -26.10
N VAL B 52 12.91 -0.74 -26.97
CA VAL B 52 13.06 -0.15 -28.31
C VAL B 52 11.77 -0.31 -29.12
N THR B 53 11.08 -1.44 -28.96
CA THR B 53 9.81 -1.62 -29.66
C THR B 53 8.78 -0.61 -29.19
N THR B 54 8.72 -0.35 -27.89
CA THR B 54 7.81 0.67 -27.37
C THR B 54 8.18 2.05 -27.85
N TRP B 55 9.48 2.36 -27.94
CA TRP B 55 9.90 3.63 -28.51
C TRP B 55 9.37 3.79 -29.93
N LEU B 56 9.58 2.77 -30.76
CA LEU B 56 9.06 2.81 -32.13
C LEU B 56 7.55 2.99 -32.14
N LEU B 57 6.85 2.18 -31.33
CA LEU B 57 5.39 2.22 -31.30
C LEU B 57 4.88 3.61 -30.94
N SER B 58 5.42 4.20 -29.87
CA SER B 58 5.06 5.57 -29.54
C SER B 58 5.39 6.52 -30.68
N GLY B 59 6.42 6.19 -31.45
CA GLY B 59 6.74 7.01 -32.61
C GLY B 59 5.65 6.95 -33.68
N ARG B 60 5.15 5.75 -33.99
CA ARG B 60 4.31 5.57 -35.16
C ARG B 60 2.83 5.42 -34.85
N ALA B 61 2.46 5.23 -33.58
CA ALA B 61 1.08 4.90 -33.21
C ALA B 61 0.50 5.86 -32.19
N ALA B 62 0.89 7.13 -32.21
CA ALA B 62 0.33 8.14 -31.34
C ALA B 62 -0.64 9.00 -32.12
N VAL B 63 -1.83 9.23 -31.55
CA VAL B 63 -2.83 10.03 -32.23
C VAL B 63 -2.31 11.44 -32.46
N VAL B 64 -1.54 11.97 -31.50
CA VAL B 64 -0.76 13.19 -31.69
C VAL B 64 0.62 12.99 -31.10
N PRO B 65 1.61 13.73 -31.61
CA PRO B 65 2.99 13.51 -31.13
C PRO B 65 3.12 13.74 -29.64
N LEU B 66 4.04 12.98 -29.03
CA LEU B 66 4.16 12.87 -27.59
C LEU B 66 5.38 13.57 -27.01
N GLY B 67 6.50 13.58 -27.73
CA GLY B 67 7.73 14.13 -27.19
C GLY B 67 8.60 13.08 -26.52
N THR B 68 9.89 13.38 -26.36
CA THR B 68 10.86 12.35 -26.00
C THR B 68 10.60 11.80 -24.59
N TRP B 69 10.45 12.68 -23.61
CA TRP B 69 10.39 12.22 -22.23
C TRP B 69 9.10 11.49 -21.92
N ARG B 70 7.99 11.87 -22.56
CA ARG B 70 6.76 11.10 -22.39
C ARG B 70 6.88 9.72 -23.02
N ARG B 71 7.57 9.62 -24.17
CA ARG B 71 7.86 8.32 -24.76
C ARG B 71 8.69 7.46 -23.82
N LEU B 72 9.68 8.06 -23.16
CA LEU B 72 10.46 7.32 -22.18
C LEU B 72 9.60 6.86 -21.02
N SER B 73 8.67 7.71 -20.58
CA SER B 73 7.74 7.30 -19.52
C SER B 73 6.88 6.13 -19.95
N LEU B 74 6.41 6.13 -21.19
CA LEU B 74 5.63 5.00 -21.69
C LEU B 74 6.48 3.73 -21.76
N CYS B 75 7.75 3.86 -22.14
CA CYS B 75 8.64 2.71 -22.12
C CYS B 75 8.79 2.16 -20.71
N TRP B 76 8.94 3.06 -19.73
CA TRP B 76 9.00 2.65 -18.34
C TRP B 76 7.73 1.91 -17.92
N PHE B 77 6.58 2.42 -18.31
CA PHE B 77 5.32 1.77 -17.93
C PHE B 77 5.16 0.42 -18.60
N ALA B 78 5.61 0.29 -19.85
CA ALA B 78 5.57 -1.00 -20.51
C ALA B 78 6.48 -2.00 -19.82
N VAL B 79 7.68 -1.55 -19.43
CA VAL B 79 8.59 -2.44 -18.70
C VAL B 79 7.97 -2.88 -17.39
N CYS B 80 7.36 -1.95 -16.66
CA CYS B 80 6.68 -2.31 -15.42
C CYS B 80 5.56 -3.31 -15.67
N GLY B 81 4.77 -3.10 -16.73
CA GLY B 81 3.70 -4.02 -17.02
C GLY B 81 4.21 -5.43 -17.30
N PHE B 82 5.23 -5.53 -18.14
CA PHE B 82 5.82 -6.84 -18.44
C PHE B 82 6.33 -7.50 -17.18
N ILE B 83 7.11 -6.77 -16.37
CA ILE B 83 7.71 -7.35 -15.17
C ILE B 83 6.63 -7.83 -14.21
N HIS B 84 5.65 -6.97 -13.92
CA HIS B 84 4.62 -7.32 -12.96
C HIS B 84 3.78 -8.48 -13.46
N LEU B 85 3.46 -8.51 -14.75
CA LEU B 85 2.58 -9.56 -15.25
C LEU B 85 3.30 -10.92 -15.32
N VAL B 86 4.58 -10.92 -15.69
CA VAL B 86 5.29 -12.14 -16.00
C VAL B 86 6.24 -12.56 -14.86
N ILE B 87 7.21 -11.70 -14.55
CA ILE B 87 8.24 -12.09 -13.59
C ILE B 87 7.66 -12.24 -12.20
N GLU B 88 6.89 -11.25 -11.75
CA GLU B 88 6.26 -11.32 -10.44
C GLU B 88 5.07 -12.26 -10.43
N GLY B 89 4.34 -12.33 -11.55
CA GLY B 89 3.24 -13.27 -11.64
C GLY B 89 3.68 -14.71 -11.52
N TRP B 90 4.86 -15.03 -12.07
CA TRP B 90 5.40 -16.37 -11.91
C TRP B 90 5.66 -16.68 -10.45
N PHE B 91 6.17 -15.70 -9.69
CA PHE B 91 6.35 -15.91 -8.26
C PHE B 91 5.02 -16.15 -7.57
N VAL B 92 4.02 -15.30 -7.87
CA VAL B 92 2.72 -15.43 -7.23
C VAL B 92 2.11 -16.79 -7.53
N LEU B 93 2.31 -17.29 -8.75
CA LEU B 93 1.76 -18.59 -9.12
C LEU B 93 2.50 -19.73 -8.46
N TYR B 94 3.85 -19.70 -8.47
CA TYR B 94 4.65 -20.86 -8.10
C TYR B 94 5.63 -20.57 -6.96
N TYR B 95 5.26 -19.71 -6.01
CA TYR B 95 6.19 -19.41 -4.91
C TYR B 95 6.50 -20.65 -4.08
N GLU B 96 5.58 -21.62 -4.04
CA GLU B 96 5.81 -22.82 -3.26
C GLU B 96 6.91 -23.70 -3.82
N ASP B 97 7.17 -23.64 -5.14
CA ASP B 97 8.07 -24.58 -5.80
C ASP B 97 9.21 -23.87 -6.52
N LEU B 98 9.60 -22.67 -6.08
CA LEU B 98 10.79 -22.04 -6.65
C LEU B 98 12.03 -22.89 -6.40
N LEU B 99 12.16 -23.41 -5.18
CA LEU B 99 13.20 -24.39 -4.90
C LEU B 99 12.92 -25.68 -5.66
N GLY B 100 13.98 -26.31 -6.16
CA GLY B 100 13.84 -27.57 -6.87
C GLY B 100 13.23 -27.45 -8.24
N ASP B 101 13.30 -26.27 -8.86
CA ASP B 101 12.79 -26.05 -10.21
C ASP B 101 13.87 -25.39 -11.04
N GLN B 102 13.93 -25.75 -12.32
CA GLN B 102 14.93 -25.25 -13.25
C GLN B 102 14.27 -24.61 -14.47
N ALA B 103 13.18 -23.89 -14.25
CA ALA B 103 12.60 -23.04 -15.28
C ALA B 103 13.27 -21.68 -15.21
N PHE B 104 13.28 -20.98 -16.36
CA PHE B 104 14.09 -19.77 -16.50
C PHE B 104 13.74 -18.75 -15.43
N LEU B 105 12.45 -18.45 -15.27
CA LEU B 105 12.04 -17.47 -14.27
C LEU B 105 12.25 -17.99 -12.86
N SER B 106 12.09 -19.30 -12.64
CA SER B 106 12.38 -19.87 -11.33
C SER B 106 13.84 -19.69 -10.96
N GLN B 107 14.75 -19.94 -11.91
CA GLN B 107 16.17 -19.70 -11.65
C GLN B 107 16.45 -18.22 -11.43
N LEU B 108 15.78 -17.35 -12.16
CA LEU B 108 15.92 -15.91 -11.94
C LEU B 108 15.55 -15.55 -10.52
N TRP B 109 14.43 -16.08 -10.03
CA TRP B 109 14.00 -15.77 -8.67
C TRP B 109 14.96 -16.35 -7.64
N LYS B 110 15.46 -17.56 -7.89
CA LYS B 110 16.43 -18.15 -6.97
C LYS B 110 17.69 -17.31 -6.90
N GLU B 111 18.12 -16.74 -8.03
CA GLU B 111 19.29 -15.87 -8.04
C GLU B 111 19.02 -14.58 -7.29
N TYR B 112 17.86 -13.95 -7.56
CA TYR B 112 17.54 -12.68 -6.93
C TYR B 112 17.40 -12.81 -5.42
N ALA B 113 16.82 -13.92 -4.95
CA ALA B 113 16.53 -14.06 -3.53
C ALA B 113 17.78 -14.16 -2.67
N LYS B 114 18.96 -14.30 -3.26
CA LYS B 114 20.18 -14.31 -2.46
C LYS B 114 20.39 -12.97 -1.75
N GLY B 115 19.72 -11.91 -2.21
CA GLY B 115 19.71 -10.65 -1.50
C GLY B 115 18.46 -10.45 -0.65
N ASP B 116 17.44 -11.27 -0.86
CA ASP B 116 16.22 -11.22 -0.04
C ASP B 116 15.60 -12.61 -0.05
N SER B 117 15.72 -13.31 1.08
CA SER B 117 15.28 -14.69 1.18
C SER B 117 13.80 -14.84 1.48
N ARG B 118 13.05 -13.74 1.64
CA ARG B 118 11.61 -13.86 1.87
C ARG B 118 10.89 -14.48 0.69
N TYR B 119 11.43 -14.35 -0.52
CA TYR B 119 10.80 -14.95 -1.68
C TYR B 119 10.96 -16.47 -1.70
N ILE B 120 11.96 -17.00 -1.00
CA ILE B 120 12.10 -18.44 -0.86
C ILE B 120 11.29 -18.97 0.32
N LEU B 121 11.11 -18.16 1.36
CA LEU B 121 10.38 -18.58 2.55
C LEU B 121 8.87 -18.46 2.38
N GLY B 122 8.40 -17.81 1.33
CA GLY B 122 6.98 -17.63 1.13
C GLY B 122 6.32 -16.77 2.19
N ASP B 123 6.93 -15.65 2.54
CA ASP B 123 6.36 -14.77 3.56
C ASP B 123 5.01 -14.24 3.11
N ASN B 124 4.08 -14.13 4.05
CA ASN B 124 2.71 -13.75 3.72
C ASN B 124 2.66 -12.35 3.13
N PHE B 125 3.37 -11.40 3.74
CA PHE B 125 3.36 -10.03 3.23
C PHE B 125 3.90 -9.97 1.81
N THR B 126 5.00 -10.67 1.55
CA THR B 126 5.59 -10.67 0.22
C THR B 126 4.62 -11.22 -0.81
N VAL B 127 4.02 -12.38 -0.51
CA VAL B 127 3.10 -13.01 -1.46
C VAL B 127 1.91 -12.10 -1.73
N CYS B 128 1.34 -11.50 -0.69
CA CYS B 128 0.19 -10.63 -0.88
C CYS B 128 0.55 -9.40 -1.70
N MET B 129 1.70 -8.78 -1.39
CA MET B 129 2.10 -7.56 -2.09
C MET B 129 2.36 -7.84 -3.56
N GLU B 130 3.06 -8.93 -3.87
CA GLU B 130 3.28 -9.27 -5.28
C GLU B 130 2.01 -9.74 -5.96
N THR B 131 1.05 -10.31 -5.22
CA THR B 131 -0.23 -10.63 -5.82
C THR B 131 -0.95 -9.38 -6.27
N ILE B 132 -1.01 -8.37 -5.39
CA ILE B 132 -1.64 -7.10 -5.75
C ILE B 132 -0.89 -6.45 -6.91
N THR B 133 0.45 -6.50 -6.86
CA THR B 133 1.25 -5.86 -7.90
C THR B 133 1.00 -6.51 -9.26
N ALA B 134 0.93 -7.85 -9.29
CA ALA B 134 0.73 -8.55 -10.55
C ALA B 134 -0.68 -8.36 -11.08
N CYS B 135 -1.67 -8.34 -10.20
CA CYS B 135 -3.06 -8.30 -10.67
C CYS B 135 -3.48 -6.89 -11.06
N LEU B 136 -3.08 -5.88 -10.29
CA LEU B 136 -3.55 -4.52 -10.52
C LEU B 136 -2.58 -3.69 -11.35
N TRP B 137 -1.34 -3.52 -10.86
CA TRP B 137 -0.46 -2.51 -11.40
C TRP B 137 0.09 -2.85 -12.78
N GLY B 138 0.11 -4.11 -13.17
CA GLY B 138 0.57 -4.49 -14.48
C GLY B 138 -0.39 -4.10 -15.58
N PRO B 139 -1.63 -4.62 -15.50
CA PRO B 139 -2.66 -4.19 -16.46
C PRO B 139 -2.89 -2.70 -16.45
N LEU B 140 -2.82 -2.05 -15.28
CA LEU B 140 -2.98 -0.60 -15.23
C LEU B 140 -1.79 0.11 -15.86
N SER B 141 -0.59 -0.44 -15.69
CA SER B 141 0.58 0.15 -16.33
C SER B 141 0.46 0.09 -17.85
N LEU B 142 -0.07 -1.02 -18.38
CA LEU B 142 -0.28 -1.09 -19.82
C LEU B 142 -1.44 -0.21 -20.28
N TRP B 143 -2.47 -0.08 -19.44
CA TRP B 143 -3.57 0.81 -19.76
C TRP B 143 -3.12 2.26 -19.80
N VAL B 144 -2.12 2.61 -18.99
CA VAL B 144 -1.55 3.95 -19.05
C VAL B 144 -0.95 4.21 -20.43
N VAL B 145 -0.22 3.23 -20.95
CA VAL B 145 0.37 3.36 -22.28
C VAL B 145 -0.72 3.52 -23.33
N ILE B 146 -1.74 2.67 -23.25
CA ILE B 146 -2.84 2.75 -24.23
C ILE B 146 -3.52 4.11 -24.14
N ALA B 147 -3.70 4.63 -22.93
CA ALA B 147 -4.35 5.92 -22.76
C ALA B 147 -3.51 7.04 -23.37
N PHE B 148 -2.20 7.04 -23.10
CA PHE B 148 -1.34 8.10 -23.61
C PHE B 148 -1.24 8.06 -25.12
N LEU B 149 -1.35 6.87 -25.72
CA LEU B 149 -1.26 6.78 -27.17
C LEU B 149 -2.44 7.47 -27.85
N ARG B 150 -3.65 7.34 -27.28
CA ARG B 150 -4.86 7.88 -27.88
C ARG B 150 -5.30 9.20 -27.25
N GLN B 151 -4.50 9.77 -26.35
CA GLN B 151 -4.87 10.98 -25.62
C GLN B 151 -6.24 10.84 -24.96
N HIS B 152 -6.52 9.67 -24.42
CA HIS B 152 -7.70 9.52 -23.60
C HIS B 152 -7.51 10.30 -22.30
N PRO B 153 -8.60 10.70 -21.64
CA PRO B 153 -8.46 11.10 -20.24
C PRO B 153 -8.06 9.94 -19.36
N LEU B 154 -7.94 10.15 -18.05
CA LEU B 154 -7.49 9.13 -17.12
C LEU B 154 -5.99 8.84 -17.23
N ARG B 155 -5.31 9.40 -18.23
CA ARG B 155 -3.92 9.02 -18.45
C ARG B 155 -3.04 9.45 -17.28
N PHE B 156 -3.14 10.71 -16.88
CA PHE B 156 -2.42 11.18 -15.72
C PHE B 156 -2.99 10.64 -14.42
N ILE B 157 -4.31 10.38 -14.39
CA ILE B 157 -4.91 9.76 -13.22
C ILE B 157 -4.35 8.37 -13.01
N LEU B 158 -4.30 7.56 -14.08
CA LEU B 158 -3.74 6.22 -13.97
C LEU B 158 -2.26 6.27 -13.63
N GLN B 159 -1.53 7.21 -14.23
CA GLN B 159 -0.11 7.36 -13.90
C GLN B 159 0.07 7.63 -12.40
N LEU B 160 -0.70 8.57 -11.87
CA LEU B 160 -0.62 8.90 -10.45
C LEU B 160 -0.95 7.70 -9.58
N VAL B 161 -2.03 6.99 -9.93
CA VAL B 161 -2.47 5.87 -9.10
C VAL B 161 -1.41 4.77 -9.09
N VAL B 162 -0.88 4.42 -10.26
CA VAL B 162 0.10 3.35 -10.34
C VAL B 162 1.37 3.74 -9.59
N SER B 163 1.83 4.98 -9.78
CA SER B 163 3.05 5.41 -9.11
C SER B 163 2.87 5.42 -7.59
N VAL B 164 1.71 5.89 -7.11
CA VAL B 164 1.45 5.92 -5.67
C VAL B 164 1.44 4.51 -5.12
N GLY B 165 0.78 3.58 -5.81
CA GLY B 165 0.77 2.20 -5.35
C GLY B 165 2.16 1.59 -5.30
N GLN B 166 2.96 1.83 -6.34
CA GLN B 166 4.32 1.30 -6.35
C GLN B 166 5.14 1.86 -5.19
N ILE B 167 5.02 3.16 -4.94
CA ILE B 167 5.78 3.78 -3.85
C ILE B 167 5.34 3.20 -2.51
N TYR B 168 4.03 3.04 -2.31
CA TYR B 168 3.53 2.48 -1.06
C TYR B 168 4.06 1.07 -0.84
N GLY B 169 4.00 0.24 -1.88
CA GLY B 169 4.49 -1.12 -1.75
C GLY B 169 5.97 -1.17 -1.44
N ASP B 170 6.77 -0.36 -2.14
CA ASP B 170 8.21 -0.38 -1.91
C ASP B 170 8.56 0.12 -0.52
N VAL B 171 7.84 1.16 -0.05
CA VAL B 171 8.09 1.69 1.27
C VAL B 171 7.77 0.65 2.34
N LEU B 172 6.63 -0.04 2.20
CA LEU B 172 6.31 -1.10 3.17
C LEU B 172 7.35 -2.21 3.12
N TYR B 173 7.80 -2.58 1.91
CA TYR B 173 8.83 -3.60 1.77
C TYR B 173 10.09 -3.23 2.55
N PHE B 174 10.60 -2.02 2.31
CA PHE B 174 11.82 -1.57 2.99
C PHE B 174 11.61 -1.47 4.50
N LEU B 175 10.47 -0.94 4.93
CA LEU B 175 10.23 -0.76 6.36
C LEU B 175 10.15 -2.10 7.08
N THR B 176 9.46 -3.07 6.49
CA THR B 176 9.38 -4.39 7.10
C THR B 176 10.76 -5.04 7.18
N GLU B 177 11.53 -4.97 6.10
CA GLU B 177 12.85 -5.59 6.14
C GLU B 177 13.75 -4.89 7.15
N HIS B 178 13.61 -3.57 7.30
CA HIS B 178 14.39 -2.85 8.31
C HIS B 178 14.00 -3.30 9.71
N ARG B 179 12.70 -3.38 9.98
CA ARG B 179 12.25 -3.79 11.30
C ARG B 179 12.67 -5.22 11.61
N ASP B 180 12.84 -6.05 10.59
CA ASP B 180 13.40 -7.39 10.81
C ASP B 180 14.90 -7.36 11.06
N GLY B 181 15.56 -6.21 10.88
CA GLY B 181 16.97 -6.09 11.15
C GLY B 181 17.89 -6.44 10.01
N PHE B 182 17.38 -6.50 8.78
CA PHE B 182 18.16 -6.87 7.60
C PHE B 182 18.82 -8.24 7.81
N GLN B 183 18.00 -9.22 8.18
CA GLN B 183 18.47 -10.58 8.42
C GLN B 183 18.31 -11.50 7.22
N HIS B 184 17.42 -11.16 6.28
CA HIS B 184 17.19 -11.97 5.10
C HIS B 184 18.22 -11.75 4.00
N GLY B 185 19.22 -10.90 4.24
CA GLY B 185 20.28 -10.70 3.28
C GLY B 185 21.52 -10.18 3.96
N GLU B 186 22.67 -10.54 3.40
CA GLU B 186 23.95 -10.15 3.99
C GLU B 186 24.13 -8.64 3.86
N LEU B 187 24.37 -7.98 4.99
CA LEU B 187 24.52 -6.53 4.97
C LEU B 187 25.83 -6.15 4.31
N GLY B 188 25.76 -5.17 3.41
CA GLY B 188 26.96 -4.59 2.83
C GLY B 188 27.59 -5.38 1.72
N HIS B 189 26.94 -6.44 1.23
CA HIS B 189 27.51 -7.15 0.10
C HIS B 189 27.22 -6.36 -1.18
N PRO B 190 28.22 -6.10 -2.02
CA PRO B 190 27.97 -5.25 -3.19
C PRO B 190 26.85 -5.73 -4.10
N LEU B 191 26.91 -6.98 -4.55
CA LEU B 191 25.96 -7.46 -5.54
C LEU B 191 24.58 -7.72 -4.94
N TYR B 192 24.53 -8.30 -3.74
CA TYR B 192 23.26 -8.80 -3.22
C TYR B 192 22.53 -7.75 -2.37
N PHE B 193 23.27 -6.87 -1.70
CA PHE B 193 22.62 -5.83 -0.89
C PHE B 193 22.40 -4.55 -1.68
N TRP B 194 23.48 -3.97 -2.20
CA TRP B 194 23.37 -2.66 -2.83
C TRP B 194 22.63 -2.73 -4.16
N PHE B 195 22.96 -3.73 -4.99
CA PHE B 195 22.38 -3.81 -6.32
C PHE B 195 21.02 -4.49 -6.31
N TYR B 196 20.96 -5.76 -5.89
CA TYR B 196 19.70 -6.50 -5.94
C TYR B 196 18.65 -5.88 -5.02
N PHE B 197 19.00 -5.66 -3.76
CA PHE B 197 18.01 -5.28 -2.76
C PHE B 197 17.71 -3.78 -2.79
N VAL B 198 18.74 -2.94 -2.71
CA VAL B 198 18.52 -1.50 -2.63
C VAL B 198 18.23 -0.93 -4.01
N PHE B 199 19.21 -0.96 -4.91
CA PHE B 199 19.14 -0.19 -6.14
C PHE B 199 17.94 -0.60 -6.98
N MET B 200 17.80 -1.90 -7.26
CA MET B 200 16.73 -2.37 -8.11
C MET B 200 15.35 -2.04 -7.53
N ASN B 201 15.28 -1.79 -6.22
CA ASN B 201 14.03 -1.34 -5.61
C ASN B 201 13.96 0.18 -5.49
N ALA B 202 15.10 0.85 -5.31
CA ALA B 202 15.09 2.29 -5.19
C ALA B 202 14.53 2.96 -6.44
N LEU B 203 14.65 2.29 -7.59
CA LEU B 203 14.04 2.80 -8.81
C LEU B 203 12.55 3.05 -8.61
N TRP B 204 11.86 2.09 -8.02
CA TRP B 204 10.42 2.21 -7.78
C TRP B 204 10.09 3.17 -6.65
N LEU B 205 11.10 3.86 -6.09
CA LEU B 205 10.89 5.03 -5.26
C LEU B 205 11.17 6.33 -5.99
N VAL B 206 12.08 6.29 -6.97
CA VAL B 206 12.57 7.51 -7.61
C VAL B 206 11.79 7.84 -8.87
N LEU B 207 11.65 6.87 -9.77
CA LEU B 207 10.96 7.15 -11.03
C LEU B 207 9.46 7.35 -10.81
N PRO B 208 8.75 6.53 -10.03
CA PRO B 208 7.36 6.87 -9.71
C PRO B 208 7.21 8.23 -9.06
N GLY B 209 8.12 8.61 -8.17
CA GLY B 209 8.00 9.90 -7.51
C GLY B 209 8.03 11.05 -8.49
N VAL B 210 8.97 11.01 -9.43
CA VAL B 210 9.02 12.03 -10.48
C VAL B 210 7.73 12.03 -11.27
N LEU B 211 7.10 10.87 -11.42
CA LEU B 211 5.85 10.78 -12.15
C LEU B 211 4.65 11.20 -11.31
N VAL B 212 4.82 11.31 -9.99
CA VAL B 212 3.75 11.85 -9.16
C VAL B 212 3.84 13.37 -9.11
N LEU B 213 5.05 13.92 -9.02
CA LEU B 213 5.22 15.36 -9.11
C LEU B 213 4.84 15.89 -10.48
N ASP B 214 5.05 15.10 -11.53
CA ASP B 214 4.69 15.53 -12.88
C ASP B 214 3.18 15.54 -13.07
N ALA B 215 2.52 14.43 -12.73
CA ALA B 215 1.07 14.35 -12.93
C ALA B 215 0.36 15.44 -12.15
N VAL B 216 0.76 15.65 -10.90
CA VAL B 216 0.16 16.70 -10.08
C VAL B 216 0.30 18.05 -10.73
N LYS B 217 1.37 18.26 -11.50
CA LYS B 217 1.55 19.53 -12.18
C LYS B 217 0.51 19.72 -13.28
N HIS B 218 0.16 18.63 -13.97
CA HIS B 218 -0.76 18.75 -15.09
C HIS B 218 -2.21 18.78 -14.62
N LEU B 219 -2.60 17.80 -13.79
CA LEU B 219 -3.97 17.76 -13.28
C LEU B 219 -4.34 19.05 -12.58
N THR B 220 -3.43 19.59 -11.77
CA THR B 220 -3.67 20.88 -11.12
C THR B 220 -3.98 21.96 -12.17
N HIS B 221 -3.17 22.04 -13.23
CA HIS B 221 -3.43 23.01 -14.28
C HIS B 221 -4.79 22.78 -14.92
N ALA B 222 -5.26 21.54 -14.93
CA ALA B 222 -6.62 21.27 -15.41
C ALA B 222 -7.66 21.83 -14.43
N GLN B 223 -7.45 21.60 -13.14
CA GLN B 223 -8.42 22.05 -12.14
C GLN B 223 -8.53 23.57 -12.16
N SER B 224 -7.40 24.26 -12.26
CA SER B 224 -7.43 25.71 -12.35
C SER B 224 -8.11 26.20 -13.63
N THR B 225 -8.18 25.35 -14.66
CA THR B 225 -8.86 25.74 -15.88
C THR B 225 -10.37 25.71 -15.72
N LEU B 226 -10.89 24.73 -15.00
CA LEU B 226 -12.32 24.67 -14.71
C LEU B 226 -12.75 25.84 -13.85
N ASP B 227 -12.06 26.03 -12.73
CA ASP B 227 -12.41 27.06 -11.77
C ASP B 227 -12.28 28.46 -12.36
#